data_6JBA
#
_entry.id   6JBA
#
_cell.length_a   84.100
_cell.length_b   84.100
_cell.length_c   146.020
_cell.angle_alpha   90.000
_cell.angle_beta   90.000
_cell.angle_gamma   90.000
#
_symmetry.space_group_name_H-M   'P 41 21 2'
#
loop_
_entity.id
_entity.type
_entity.pdbx_description
1 polymer 'ABC transporter, periplasmic substrate-binding protein'
2 branched alpha-D-glucopyranose-(1-6)-alpha-D-fructofuranose
3 non-polymer 'CITRIC ACID'
4 non-polymer 1,2-ETHANEDIOL
5 water water
#
_entity_poly.entity_id   1
_entity_poly.type   'polypeptide(L)'
_entity_poly.pdbx_seq_one_letter_code
;QSGPVIRVAGDSTAVGEGGRWMKEMVEAWGKKTGTRVEYIDSPADTNDRLALYQQYWAARSPDVDVYMIDVIWPGIVAPH
ALDLKPYLTEAELKEFFPRIVQNNTIRGKLTSLPFFTDAGILYYRKDLLEKYGYTSPPRTWNELEQMAERVMEGERRAGN
RDFWGFVFQGKPYEGLTCDALEWIYSHGGGRIVEPDGTISVNNGRAALALNRAHGWVGRIAPQGVTSYAEEEARNVWQQG
NSLFMRNWPYAYALGQAEGSPIRGKFGVTVLPKASADAPNAATLGGAQLMVSAYSRYPKEAVDLVKYLASYEVQKDNAVR
LSRLPTRPALYTDRDVLARNPWFRDLLPVFQNAVSRPSDVAGARYNQVSEAIWTEVHSVLTGRKKGEQAVRDLEARIRRI
LRHHHHHH
;
_entity_poly.pdbx_strand_id   A
#
# COMPACT_ATOMS: atom_id res chain seq x y z
N GLY A 3 -36.98 -4.78 -0.17
CA GLY A 3 -36.01 -5.76 -0.74
C GLY A 3 -34.70 -5.66 0.03
N PRO A 4 -33.68 -6.44 -0.35
CA PRO A 4 -32.44 -6.42 0.43
C PRO A 4 -31.74 -5.04 0.54
N VAL A 5 -31.06 -4.84 1.66
CA VAL A 5 -30.05 -3.79 1.81
C VAL A 5 -28.63 -4.41 1.79
N ILE A 6 -27.87 -4.11 0.74
CA ILE A 6 -26.48 -4.56 0.61
C ILE A 6 -25.56 -3.54 1.28
N ARG A 7 -24.87 -4.02 2.32
CA ARG A 7 -24.09 -3.21 3.14
C ARG A 7 -22.59 -3.50 2.90
N VAL A 8 -21.81 -2.44 2.75
CA VAL A 8 -20.43 -2.53 2.26
C VAL A 8 -19.50 -1.86 3.25
N ALA A 9 -18.50 -2.59 3.72
CA ALA A 9 -17.46 -1.98 4.55
C ALA A 9 -16.24 -1.89 3.68
N GLY A 10 -15.85 -0.71 3.31
CA GLY A 10 -14.56 -0.63 2.64
C GLY A 10 -13.94 0.69 2.37
N ASP A 11 -12.65 0.74 2.55
CA ASP A 11 -11.92 1.97 2.44
C ASP A 11 -12.38 2.89 3.58
N SER A 12 -11.71 4.00 3.74
CA SER A 12 -11.90 4.86 4.88
C SER A 12 -12.00 6.26 4.34
N THR A 13 -12.93 7.02 4.89
CA THR A 13 -13.03 8.42 4.55
C THR A 13 -11.87 9.16 5.22
N ALA A 14 -11.10 8.51 6.06
CA ALA A 14 -9.96 9.18 6.71
C ALA A 14 -8.68 9.18 5.85
N VAL A 15 -8.72 8.54 4.68
CA VAL A 15 -7.59 8.51 3.77
C VAL A 15 -7.94 8.95 2.37
N GLY A 16 -7.45 10.13 2.01
CA GLY A 16 -7.72 10.74 0.72
C GLY A 16 -9.16 10.73 0.39
N GLU A 17 -9.46 10.31 -0.84
CA GLU A 17 -10.82 10.36 -1.34
C GLU A 17 -11.39 8.98 -1.51
N GLY A 18 -10.66 7.97 -1.08
CA GLY A 18 -11.12 6.59 -1.30
C GLY A 18 -12.49 6.23 -0.73
N GLY A 19 -12.77 6.62 0.51
CA GLY A 19 -14.03 6.27 1.19
C GLY A 19 -15.18 6.93 0.46
N ARG A 20 -15.00 8.21 0.15
CA ARG A 20 -16.06 8.97 -0.48
C ARG A 20 -16.36 8.41 -1.84
N TRP A 21 -15.31 8.16 -2.62
CA TRP A 21 -15.48 7.65 -3.96
C TRP A 21 -16.10 6.22 -3.91
N MET A 22 -15.68 5.41 -2.96
CA MET A 22 -16.25 4.08 -2.89
C MET A 22 -17.77 4.09 -2.58
N LYS A 23 -18.17 4.93 -1.65
CA LYS A 23 -19.59 5.05 -1.34
C LYS A 23 -20.34 5.52 -2.57
N GLU A 24 -19.76 6.50 -3.28
CA GLU A 24 -20.33 6.91 -4.56
C GLU A 24 -20.55 5.73 -5.53
N MET A 25 -19.55 4.86 -5.68
CA MET A 25 -19.69 3.77 -6.64
C MET A 25 -20.78 2.77 -6.23
N VAL A 26 -20.81 2.51 -4.94
CA VAL A 26 -21.77 1.60 -4.36
C VAL A 26 -23.19 2.18 -4.56
N GLU A 27 -23.33 3.48 -4.31
CA GLU A 27 -24.62 4.09 -4.51
C GLU A 27 -25.03 4.04 -5.96
N ALA A 28 -24.05 4.25 -6.85
CA ALA A 28 -24.39 4.16 -8.26
C ALA A 28 -24.84 2.76 -8.64
N TRP A 29 -24.17 1.69 -8.16
CA TRP A 29 -24.67 0.32 -8.41
C TRP A 29 -26.14 0.16 -7.87
N GLY A 30 -26.37 0.71 -6.69
CA GLY A 30 -27.65 0.64 -6.03
C GLY A 30 -28.71 1.26 -6.93
N LYS A 31 -28.40 2.44 -7.42
CA LYS A 31 -29.32 3.13 -8.28
C LYS A 31 -29.50 2.38 -9.59
N LYS A 32 -28.42 1.90 -10.16
CA LYS A 32 -28.53 1.27 -11.45
C LYS A 32 -29.38 0.01 -11.41
N THR A 33 -29.28 -0.74 -10.32
CA THR A 33 -29.95 -2.01 -10.19
C THR A 33 -31.24 -1.91 -9.36
N GLY A 34 -31.56 -0.76 -8.78
CA GLY A 34 -32.71 -0.67 -7.88
C GLY A 34 -32.59 -1.44 -6.57
N THR A 35 -31.41 -1.41 -5.96
CA THR A 35 -31.14 -2.14 -4.74
C THR A 35 -30.72 -1.14 -3.71
N ARG A 36 -31.28 -1.25 -2.51
CA ARG A 36 -30.80 -0.42 -1.42
C ARG A 36 -29.40 -0.84 -0.98
N VAL A 37 -28.64 0.17 -0.56
CA VAL A 37 -27.24 -0.04 -0.13
C VAL A 37 -26.94 0.86 1.07
N GLU A 38 -25.98 0.46 1.90
CA GLU A 38 -25.44 1.28 2.96
C GLU A 38 -23.93 1.09 2.98
N TYR A 39 -23.19 2.15 3.37
CA TYR A 39 -21.74 2.18 3.37
C TYR A 39 -21.36 2.28 4.80
N ILE A 40 -20.48 1.39 5.24
CA ILE A 40 -19.95 1.43 6.60
C ILE A 40 -18.52 1.89 6.51
N ASP A 41 -18.22 2.94 7.24
CA ASP A 41 -16.88 3.54 7.23
C ASP A 41 -15.90 2.70 8.11
N SER A 42 -14.60 2.99 8.01
CA SER A 42 -13.57 2.18 8.63
C SER A 42 -12.47 3.11 9.17
N PRO A 43 -11.66 2.61 10.10
CA PRO A 43 -10.49 3.43 10.51
C PRO A 43 -9.46 3.56 9.40
N ALA A 44 -8.57 4.54 9.50
CA ALA A 44 -7.53 4.79 8.53
C ALA A 44 -6.58 3.58 8.26
N ASP A 45 -5.98 3.08 9.32
CA ASP A 45 -4.87 2.11 9.21
C ASP A 45 -5.41 0.70 8.94
N THR A 46 -4.84 0.04 7.95
CA THR A 46 -5.31 -1.26 7.54
C THR A 46 -5.37 -2.26 8.71
N ASN A 47 -4.37 -2.29 9.59
CA ASN A 47 -4.35 -3.19 10.74
C ASN A 47 -5.45 -2.87 11.76
N ASP A 48 -5.87 -1.60 11.83
CA ASP A 48 -7.06 -1.27 12.62
C ASP A 48 -8.35 -1.75 11.96
N ARG A 49 -8.38 -1.69 10.65
CA ARG A 49 -9.54 -2.18 9.90
C ARG A 49 -9.67 -3.67 10.07
N LEU A 50 -8.55 -4.37 10.03
CA LEU A 50 -8.63 -5.84 10.23
C LEU A 50 -9.30 -6.19 11.56
N ALA A 51 -8.90 -5.51 12.64
CA ALA A 51 -9.44 -5.78 13.97
C ALA A 51 -10.91 -5.53 14.00
N LEU A 52 -11.36 -4.48 13.33
CA LEU A 52 -12.75 -4.13 13.29
C LEU A 52 -13.52 -5.24 12.57
N TYR A 53 -13.05 -5.58 11.38
CA TYR A 53 -13.78 -6.58 10.54
C TYR A 53 -13.78 -7.96 11.26
N GLN A 54 -12.73 -8.27 12.02
CA GLN A 54 -12.65 -9.54 12.75
CA GLN A 54 -12.66 -9.54 12.74
C GLN A 54 -13.77 -9.63 13.80
N GLN A 55 -14.20 -8.49 14.33
CA GLN A 55 -15.35 -8.50 15.22
C GLN A 55 -16.61 -8.97 14.48
N TYR A 56 -16.86 -8.44 13.30
CA TYR A 56 -18.04 -8.86 12.53
C TYR A 56 -17.92 -10.36 12.20
N TRP A 57 -16.73 -10.76 11.74
CA TRP A 57 -16.52 -12.15 11.36
C TRP A 57 -16.67 -13.11 12.54
N ALA A 58 -16.13 -12.73 13.68
CA ALA A 58 -16.26 -13.58 14.86
C ALA A 58 -17.73 -13.81 15.21
N ALA A 59 -18.55 -12.79 15.04
CA ALA A 59 -19.97 -12.85 15.35
C ALA A 59 -20.76 -13.48 14.19
N ARG A 60 -20.11 -13.92 13.10
CA ARG A 60 -20.85 -14.37 11.90
C ARG A 60 -21.89 -13.31 11.49
N SER A 61 -21.54 -12.04 11.67
CA SER A 61 -22.53 -11.00 11.42
C SER A 61 -23.03 -10.89 10.00
N PRO A 62 -24.35 -10.86 9.83
CA PRO A 62 -24.90 -10.59 8.50
C PRO A 62 -24.99 -9.09 8.18
N ASP A 63 -24.47 -8.24 9.06
CA ASP A 63 -24.66 -6.79 8.93
C ASP A 63 -23.70 -6.11 7.93
N VAL A 64 -22.76 -6.88 7.38
CA VAL A 64 -21.94 -6.45 6.25
C VAL A 64 -21.93 -7.55 5.19
N ASP A 65 -22.25 -7.20 3.93
CA ASP A 65 -22.28 -8.12 2.84
C ASP A 65 -21.00 -8.22 1.99
N VAL A 66 -20.28 -7.11 1.87
CA VAL A 66 -19.09 -6.93 1.05
C VAL A 66 -18.06 -6.17 1.88
N TYR A 67 -16.82 -6.69 1.87
CA TYR A 67 -15.69 -6.07 2.54
C TYR A 67 -14.60 -5.84 1.51
N MET A 68 -13.95 -4.67 1.58
CA MET A 68 -12.75 -4.43 0.89
C MET A 68 -11.63 -4.99 1.79
N ILE A 69 -10.85 -5.91 1.25
CA ILE A 69 -9.74 -6.51 1.98
C ILE A 69 -8.35 -6.17 1.38
N ASP A 70 -7.34 -6.16 2.26
CA ASP A 70 -6.00 -5.82 1.87
C ASP A 70 -5.35 -7.08 1.23
N VAL A 71 -4.33 -6.85 0.40
CA VAL A 71 -3.66 -7.89 -0.37
C VAL A 71 -3.03 -8.95 0.56
N ILE A 72 -2.68 -8.49 1.78
CA ILE A 72 -2.05 -9.28 2.85
C ILE A 72 -3.04 -10.15 3.66
N TRP A 73 -4.35 -10.04 3.38
CA TRP A 73 -5.36 -10.68 4.14
C TRP A 73 -5.95 -12.04 3.68
N PRO A 74 -5.89 -12.41 2.40
CA PRO A 74 -6.61 -13.65 2.00
C PRO A 74 -6.40 -14.89 2.90
N GLY A 75 -5.17 -15.12 3.31
CA GLY A 75 -4.85 -16.25 4.18
C GLY A 75 -5.47 -16.18 5.57
N ILE A 76 -5.68 -14.97 6.05
CA ILE A 76 -6.32 -14.69 7.31
C ILE A 76 -7.82 -14.80 7.16
N VAL A 77 -8.40 -14.23 6.10
CA VAL A 77 -9.84 -14.03 6.07
C VAL A 77 -10.59 -15.13 5.32
N ALA A 78 -9.89 -16.10 4.77
CA ALA A 78 -10.55 -17.09 3.91
C ALA A 78 -11.81 -17.76 4.46
N PRO A 79 -11.81 -18.15 5.73
CA PRO A 79 -13.03 -18.74 6.28
C PRO A 79 -14.26 -17.85 6.24
N HIS A 80 -14.06 -16.55 6.16
CA HIS A 80 -15.14 -15.58 6.21
C HIS A 80 -15.56 -15.11 4.80
N ALA A 81 -14.98 -15.72 3.77
CA ALA A 81 -15.18 -15.36 2.38
C ALA A 81 -16.01 -16.42 1.68
N LEU A 82 -17.01 -15.96 0.93
CA LEU A 82 -17.70 -16.81 -0.02
C LEU A 82 -16.77 -17.08 -1.16
N ASP A 83 -16.64 -18.36 -1.57
CA ASP A 83 -15.82 -18.71 -2.68
C ASP A 83 -16.41 -18.09 -3.96
N LEU A 84 -15.63 -17.22 -4.61
CA LEU A 84 -16.11 -16.51 -5.81
C LEU A 84 -15.95 -17.31 -7.08
N LYS A 85 -15.21 -18.39 -6.98
CA LYS A 85 -14.81 -19.10 -8.19
C LYS A 85 -15.99 -19.55 -9.06
N PRO A 86 -17.08 -20.04 -8.45
CA PRO A 86 -18.24 -20.50 -9.23
C PRO A 86 -18.98 -19.40 -9.92
N TYR A 87 -18.67 -18.15 -9.59
CA TYR A 87 -19.42 -17.04 -10.16
C TYR A 87 -18.73 -16.34 -11.32
N LEU A 88 -17.50 -16.72 -11.60
CA LEU A 88 -16.73 -16.16 -12.69
C LEU A 88 -16.35 -17.23 -13.70
N THR A 89 -16.39 -16.91 -14.97
CA THR A 89 -15.76 -17.75 -16.02
C THR A 89 -14.24 -17.59 -16.02
N GLU A 90 -13.54 -18.53 -16.64
CA GLU A 90 -12.11 -18.49 -16.76
C GLU A 90 -11.72 -17.28 -17.54
N ALA A 91 -12.55 -16.89 -18.53
CA ALA A 91 -12.26 -15.70 -19.35
C ALA A 91 -12.35 -14.42 -18.47
N GLU A 92 -13.42 -14.32 -17.69
CA GLU A 92 -13.59 -13.17 -16.84
C GLU A 92 -12.39 -13.03 -15.90
N LEU A 93 -11.98 -14.14 -15.28
CA LEU A 93 -10.89 -14.14 -14.32
C LEU A 93 -9.56 -13.77 -14.95
N LYS A 94 -9.37 -14.15 -16.20
CA LYS A 94 -8.16 -13.84 -16.89
C LYS A 94 -8.07 -12.36 -17.27
N GLU A 95 -9.13 -11.58 -17.14
CA GLU A 95 -9.00 -10.15 -17.40
C GLU A 95 -8.27 -9.39 -16.27
N PHE A 96 -7.98 -10.07 -15.17
CA PHE A 96 -7.19 -9.51 -14.09
C PHE A 96 -5.77 -10.04 -14.12
N PHE A 97 -4.86 -9.32 -13.48
CA PHE A 97 -3.50 -9.84 -13.31
C PHE A 97 -3.51 -11.22 -12.64
N PRO A 98 -2.92 -12.24 -13.28
CA PRO A 98 -2.84 -13.60 -12.70
C PRO A 98 -2.21 -13.63 -11.32
N ARG A 99 -1.15 -12.89 -11.14
CA ARG A 99 -0.48 -12.78 -9.84
C ARG A 99 -1.46 -12.42 -8.69
N ILE A 100 -2.39 -11.50 -8.94
CA ILE A 100 -3.30 -11.05 -7.89
C ILE A 100 -4.43 -12.05 -7.67
N VAL A 101 -4.93 -12.63 -8.73
CA VAL A 101 -5.91 -13.71 -8.59
C VAL A 101 -5.33 -14.87 -7.76
N GLN A 102 -4.09 -15.19 -8.04
CA GLN A 102 -3.38 -16.22 -7.30
C GLN A 102 -3.21 -15.85 -5.81
N ASN A 103 -2.81 -14.61 -5.55
CA ASN A 103 -2.73 -14.06 -4.18
C ASN A 103 -4.04 -14.27 -3.43
N ASN A 104 -5.15 -14.00 -4.14
CA ASN A 104 -6.45 -14.01 -3.54
C ASN A 104 -7.06 -15.45 -3.43
N THR A 105 -6.39 -16.43 -3.97
CA THR A 105 -6.87 -17.82 -3.98
C THR A 105 -6.14 -18.59 -2.90
N ILE A 106 -6.86 -19.10 -1.91
CA ILE A 106 -6.27 -19.82 -0.79
C ILE A 106 -6.84 -21.26 -0.78
N ARG A 107 -5.96 -22.23 -0.96
CA ARG A 107 -6.39 -23.65 -0.98
C ARG A 107 -7.50 -23.80 -2.00
N GLY A 108 -7.27 -23.21 -3.19
CA GLY A 108 -8.24 -23.29 -4.29
C GLY A 108 -9.50 -22.43 -4.17
N LYS A 109 -9.71 -21.76 -3.03
CA LYS A 109 -10.86 -20.89 -2.92
C LYS A 109 -10.54 -19.49 -3.39
N LEU A 110 -11.36 -18.95 -4.30
CA LEU A 110 -11.16 -17.55 -4.71
C LEU A 110 -11.83 -16.65 -3.65
N THR A 111 -11.03 -16.06 -2.76
CA THR A 111 -11.55 -15.36 -1.63
C THR A 111 -12.13 -14.02 -2.03
N SER A 112 -11.66 -13.48 -3.14
CA SER A 112 -11.96 -12.07 -3.41
C SER A 112 -11.53 -11.70 -4.79
N LEU A 113 -12.16 -10.67 -5.34
CA LEU A 113 -11.78 -10.18 -6.69
C LEU A 113 -10.78 -9.00 -6.56
N PRO A 114 -9.78 -8.95 -7.44
CA PRO A 114 -8.82 -7.85 -7.45
C PRO A 114 -9.50 -6.57 -7.81
N PHE A 115 -9.25 -5.53 -7.04
CA PHE A 115 -9.98 -4.27 -7.16
C PHE A 115 -8.99 -3.22 -7.61
N PHE A 116 -8.02 -2.86 -6.78
CA PHE A 116 -6.89 -1.98 -7.22
C PHE A 116 -5.62 -2.53 -6.65
N THR A 117 -4.50 -2.40 -7.35
CA THR A 117 -3.25 -2.87 -6.77
C THR A 117 -2.51 -1.63 -6.20
N ASP A 118 -1.26 -1.79 -5.85
CA ASP A 118 -0.55 -0.69 -5.24
C ASP A 118 0.88 -1.07 -5.18
N ALA A 119 1.72 -0.06 -5.12
CA ALA A 119 3.15 -0.22 -5.00
C ALA A 119 3.79 1.04 -4.45
N GLY A 120 4.77 0.89 -3.57
CA GLY A 120 5.44 2.07 -3.09
C GLY A 120 6.29 2.75 -4.15
N ILE A 121 6.23 4.07 -4.24
CA ILE A 121 7.01 4.81 -5.19
C ILE A 121 7.61 6.09 -4.52
N LEU A 122 8.50 6.69 -5.23
CA LEU A 122 9.12 7.95 -4.81
C LEU A 122 8.47 9.14 -5.51
N TYR A 123 8.01 10.07 -4.70
CA TYR A 123 7.48 11.35 -5.17
C TYR A 123 8.64 12.33 -4.99
N TYR A 124 8.82 13.25 -5.96
CA TYR A 124 9.88 14.25 -5.86
C TYR A 124 9.43 15.58 -6.45
N ARG A 125 9.92 16.67 -5.85
CA ARG A 125 9.64 18.01 -6.33
C ARG A 125 10.64 18.36 -7.47
N LYS A 126 10.13 18.36 -8.68
CA LYS A 126 10.92 18.66 -9.90
C LYS A 126 11.37 20.12 -9.89
N ASP A 127 10.52 21.03 -9.43
CA ASP A 127 10.93 22.44 -9.33
C ASP A 127 12.15 22.59 -8.46
N LEU A 128 12.15 21.90 -7.32
CA LEU A 128 13.26 22.03 -6.37
C LEU A 128 14.53 21.37 -6.88
N LEU A 129 14.37 20.20 -7.48
CA LEU A 129 15.52 19.52 -8.05
C LEU A 129 16.22 20.47 -9.08
N GLU A 130 15.43 21.07 -9.97
CA GLU A 130 15.98 21.95 -10.97
C GLU A 130 16.62 23.20 -10.30
N LYS A 131 15.95 23.78 -9.30
CA LYS A 131 16.47 24.93 -8.57
C LYS A 131 17.85 24.64 -8.03
N TYR A 132 18.10 23.39 -7.60
CA TYR A 132 19.37 23.07 -6.98
C TYR A 132 20.36 22.33 -7.90
N GLY A 133 20.12 22.38 -9.19
CA GLY A 133 21.09 21.88 -10.17
C GLY A 133 21.00 20.37 -10.43
N TYR A 134 19.96 19.69 -9.95
CA TYR A 134 19.85 18.25 -10.21
C TYR A 134 18.95 18.07 -11.42
N THR A 135 19.26 17.11 -12.29
CA THR A 135 18.45 16.86 -13.48
C THR A 135 17.67 15.55 -13.47
N SER A 136 17.96 14.67 -12.54
CA SER A 136 17.18 13.46 -12.33
C SER A 136 16.92 13.17 -10.86
N PRO A 137 15.86 12.41 -10.58
CA PRO A 137 15.62 12.01 -9.21
C PRO A 137 16.67 11.06 -8.83
N PRO A 138 16.86 10.88 -7.54
CA PRO A 138 17.93 9.99 -7.08
C PRO A 138 17.71 8.52 -7.36
N ARG A 139 18.77 7.79 -7.71
CA ARG A 139 18.72 6.34 -8.02
C ARG A 139 19.21 5.54 -6.87
N THR A 140 20.03 6.15 -5.99
CA THR A 140 20.54 5.46 -4.84
C THR A 140 20.12 6.24 -3.60
N TRP A 141 20.06 5.53 -2.49
CA TRP A 141 19.71 6.12 -1.20
C TRP A 141 20.74 7.22 -0.80
N ASN A 142 22.04 7.00 -1.12
CA ASN A 142 23.09 8.01 -0.81
C ASN A 142 22.75 9.28 -1.60
N GLU A 143 22.35 9.16 -2.88
CA GLU A 143 21.97 10.36 -3.64
C GLU A 143 20.76 11.02 -3.02
N LEU A 144 19.80 10.22 -2.56
CA LEU A 144 18.59 10.83 -1.97
C LEU A 144 18.98 11.73 -0.80
N GLU A 145 19.90 11.23 0.00
CA GLU A 145 20.38 11.86 1.20
C GLU A 145 21.14 13.10 0.87
N GLN A 146 22.04 13.00 -0.11
CA GLN A 146 22.80 14.20 -0.53
C GLN A 146 21.91 15.30 -1.08
N MET A 147 20.94 14.94 -1.93
CA MET A 147 20.05 15.94 -2.47
C MET A 147 19.15 16.53 -1.37
N ALA A 148 18.66 15.67 -0.48
CA ALA A 148 17.83 16.10 0.61
C ALA A 148 18.58 17.08 1.53
N GLU A 149 19.82 16.77 1.86
CA GLU A 149 20.59 17.70 2.70
C GLU A 149 20.78 19.07 2.04
N ARG A 150 21.14 19.09 0.78
CA ARG A 150 21.44 20.34 0.10
C ARG A 150 20.17 21.14 -0.12
N VAL A 151 19.08 20.53 -0.56
CA VAL A 151 17.85 21.29 -0.75
C VAL A 151 17.29 21.83 0.59
N MET A 152 17.35 21.02 1.63
CA MET A 152 16.85 21.45 2.90
C MET A 152 17.63 22.63 3.42
N GLU A 153 18.95 22.56 3.30
CA GLU A 153 19.81 23.61 3.82
C GLU A 153 19.40 24.90 3.09
N GLY A 154 19.19 24.79 1.77
CA GLY A 154 18.84 26.00 1.00
C GLY A 154 17.48 26.53 1.29
N GLU A 155 16.49 25.64 1.34
CA GLU A 155 15.11 26.08 1.62
C GLU A 155 14.95 26.63 3.01
N ARG A 156 15.63 26.03 3.99
CA ARG A 156 15.62 26.53 5.37
C ARG A 156 16.28 27.91 5.39
N ARG A 157 17.39 28.06 4.67
CA ARG A 157 18.02 29.35 4.71
C ARG A 157 17.09 30.42 4.10
N ALA A 158 16.33 30.07 3.07
CA ALA A 158 15.41 31.00 2.45
C ALA A 158 14.18 31.21 3.31
N GLY A 159 14.15 30.63 4.50
CA GLY A 159 13.08 30.93 5.42
C GLY A 159 11.93 29.96 5.55
N ASN A 160 11.98 28.77 4.95
CA ASN A 160 10.88 27.84 5.15
C ASN A 160 11.26 26.89 6.29
N ARG A 161 10.81 27.23 7.50
CA ARG A 161 11.21 26.46 8.69
C ARG A 161 10.42 25.14 8.75
N ASP A 162 9.39 24.98 7.91
CA ASP A 162 8.63 23.78 7.88
C ASP A 162 9.27 22.76 6.90
N PHE A 163 10.32 23.15 6.18
CA PHE A 163 10.80 22.30 5.07
C PHE A 163 11.67 21.10 5.50
N TRP A 164 11.32 19.91 5.01
CA TRP A 164 12.14 18.72 5.16
C TRP A 164 12.59 18.08 3.84
N GLY A 165 13.59 17.20 3.96
CA GLY A 165 14.10 16.49 2.78
C GLY A 165 13.23 15.28 2.39
N PHE A 166 12.68 14.57 3.36
CA PHE A 166 12.05 13.24 3.07
C PHE A 166 11.01 12.97 4.11
N VAL A 167 9.83 12.54 3.68
CA VAL A 167 8.81 12.01 4.59
C VAL A 167 8.36 10.62 4.08
N PHE A 168 7.97 9.79 5.03
CA PHE A 168 7.61 8.40 4.77
C PHE A 168 6.71 7.93 5.90
N GLN A 169 6.37 6.65 5.90
CA GLN A 169 5.53 6.06 6.96
C GLN A 169 6.37 5.39 8.01
N GLY A 170 6.61 6.08 9.14
CA GLY A 170 7.42 5.49 10.23
C GLY A 170 6.68 5.14 11.53
N LYS A 171 5.35 5.30 11.52
CA LYS A 171 4.46 4.92 12.61
C LYS A 171 4.53 3.42 12.87
N PRO A 172 4.35 2.98 14.10
CA PRO A 172 4.37 1.53 14.28
C PRO A 172 3.05 0.90 13.86
N TYR A 173 2.94 0.45 12.63
CA TYR A 173 1.70 -0.11 12.06
C TYR A 173 2.09 -0.77 10.75
N GLU A 174 1.11 -1.31 10.03
CA GLU A 174 1.41 -2.07 8.81
C GLU A 174 2.21 -1.28 7.78
N GLY A 175 1.93 0.03 7.61
CA GLY A 175 2.65 0.88 6.66
C GLY A 175 4.13 0.89 6.85
N LEU A 176 4.58 0.73 8.10
CA LEU A 176 6.01 0.63 8.38
C LEU A 176 6.58 -0.67 7.90
N THR A 177 5.83 -1.76 8.06
CA THR A 177 6.27 -3.01 7.46
C THR A 177 6.48 -2.80 5.96
N CYS A 178 5.57 -2.08 5.30
CA CYS A 178 5.76 -1.84 3.89
C CYS A 178 7.01 -0.98 3.56
N ASP A 179 7.22 0.11 4.32
CA ASP A 179 8.36 0.94 4.03
C ASP A 179 9.64 0.11 4.31
N ALA A 180 9.63 -0.66 5.38
CA ALA A 180 10.83 -1.37 5.80
C ALA A 180 11.19 -2.49 4.87
N LEU A 181 10.18 -3.18 4.33
CA LEU A 181 10.46 -4.23 3.33
C LEU A 181 11.19 -3.54 2.16
N GLU A 182 10.75 -2.34 1.76
CA GLU A 182 11.46 -1.63 0.68
C GLU A 182 12.93 -1.32 1.04
N TRP A 183 13.15 -0.81 2.25
CA TRP A 183 14.52 -0.50 2.67
C TRP A 183 15.37 -1.79 2.60
N ILE A 184 14.88 -2.81 3.25
CA ILE A 184 15.66 -4.04 3.39
C ILE A 184 15.92 -4.64 1.99
N TYR A 185 14.88 -4.77 1.19
CA TYR A 185 15.01 -5.46 -0.11
C TYR A 185 15.94 -4.67 -1.04
N SER A 186 15.83 -3.32 -1.00
CA SER A 186 16.66 -2.45 -1.83
C SER A 186 18.12 -2.32 -1.38
N HIS A 187 18.45 -2.87 -0.24
CA HIS A 187 19.83 -3.03 0.18
C HIS A 187 20.39 -4.45 -0.08
N GLY A 188 19.64 -5.29 -0.81
CA GLY A 188 20.05 -6.71 -0.95
C GLY A 188 19.88 -7.54 0.27
N GLY A 189 19.06 -7.10 1.20
CA GLY A 189 18.89 -7.84 2.45
C GLY A 189 17.75 -8.86 2.49
N GLY A 190 17.07 -9.05 1.36
CA GLY A 190 16.05 -10.10 1.29
C GLY A 190 14.63 -9.62 1.58
N ARG A 191 13.75 -10.61 1.84
CA ARG A 191 12.31 -10.39 1.95
C ARG A 191 11.75 -10.58 3.33
N ILE A 192 12.65 -10.50 4.34
CA ILE A 192 12.37 -10.68 5.73
C ILE A 192 12.09 -12.15 6.09
N VAL A 193 11.02 -12.68 5.48
CA VAL A 193 10.73 -14.12 5.48
C VAL A 193 10.56 -14.46 4.00
N GLU A 194 11.39 -15.38 3.51
CA GLU A 194 11.36 -15.72 2.07
C GLU A 194 10.14 -16.57 1.75
N PRO A 195 9.74 -16.60 0.48
CA PRO A 195 8.56 -17.39 0.12
C PRO A 195 8.68 -18.88 0.47
N ASP A 196 9.89 -19.43 0.54
CA ASP A 196 10.12 -20.83 0.97
C ASP A 196 10.07 -21.01 2.49
N GLY A 197 9.95 -19.92 3.25
CA GLY A 197 9.81 -20.04 4.68
C GLY A 197 11.03 -19.62 5.45
N THR A 198 12.16 -19.43 4.76
CA THR A 198 13.37 -19.08 5.42
C THR A 198 13.24 -17.66 6.03
N ILE A 199 13.54 -17.52 7.30
CA ILE A 199 13.58 -16.24 7.97
C ILE A 199 14.97 -15.69 7.74
N SER A 200 15.10 -14.78 6.78
CA SER A 200 16.40 -14.38 6.29
C SER A 200 16.87 -13.06 6.90
N VAL A 201 16.05 -12.40 7.71
CA VAL A 201 16.24 -10.96 7.98
C VAL A 201 17.49 -10.67 8.82
N ASN A 202 18.01 -11.65 9.55
CA ASN A 202 19.21 -11.40 10.33
C ASN A 202 20.47 -11.48 9.44
N ASN A 203 20.81 -10.37 8.81
CA ASN A 203 21.94 -10.27 7.92
C ASN A 203 22.34 -8.80 7.92
N GLY A 204 23.59 -8.57 7.56
CA GLY A 204 24.20 -7.26 7.64
C GLY A 204 23.57 -6.27 6.71
N ARG A 205 22.99 -6.74 5.59
CA ARG A 205 22.42 -5.78 4.64
C ARG A 205 21.10 -5.22 5.16
N ALA A 206 20.32 -6.10 5.73
CA ALA A 206 19.07 -5.68 6.38
C ALA A 206 19.35 -4.72 7.54
N ALA A 207 20.37 -5.04 8.34
CA ALA A 207 20.75 -4.19 9.45
C ALA A 207 21.15 -2.82 8.95
N LEU A 208 21.96 -2.78 7.87
CA LEU A 208 22.35 -1.51 7.32
C LEU A 208 21.14 -0.70 6.82
N ALA A 209 20.23 -1.36 6.11
CA ALA A 209 19.02 -0.71 5.64
C ALA A 209 18.28 0.04 6.81
N LEU A 210 18.16 -0.64 7.93
CA LEU A 210 17.49 -0.06 9.11
C LEU A 210 18.31 1.05 9.77
N ASN A 211 19.65 0.87 9.80
CA ASN A 211 20.51 1.91 10.37
C ASN A 211 20.42 3.13 9.48
N ARG A 212 20.38 2.94 8.17
CA ARG A 212 20.26 4.07 7.29
C ARG A 212 18.95 4.84 7.55
N ALA A 213 17.85 4.11 7.70
CA ALA A 213 16.58 4.74 7.97
C ALA A 213 16.60 5.54 9.28
N HIS A 214 17.17 4.95 10.32
CA HIS A 214 17.44 5.65 11.56
C HIS A 214 18.14 6.98 11.35
N GLY A 215 19.13 6.97 10.45
CA GLY A 215 19.89 8.16 10.09
C GLY A 215 19.13 9.25 9.43
N TRP A 216 17.92 8.96 8.94
CA TRP A 216 17.05 10.00 8.41
C TRP A 216 16.31 10.78 9.52
N VAL A 217 16.04 10.12 10.64
CA VAL A 217 15.04 10.61 11.57
C VAL A 217 15.60 11.83 12.34
N GLY A 218 14.88 12.94 12.16
CA GLY A 218 15.18 14.20 12.76
C GLY A 218 16.33 14.89 12.05
N ARG A 219 16.72 14.37 10.89
CA ARG A 219 17.83 14.88 10.14
C ARG A 219 17.29 15.33 8.80
N ILE A 220 17.14 14.45 7.82
CA ILE A 220 16.40 14.87 6.59
C ILE A 220 14.91 14.66 6.68
N ALA A 221 14.48 13.86 7.66
CA ALA A 221 13.04 13.58 7.92
C ALA A 221 12.71 14.10 9.30
N PRO A 222 11.48 14.61 9.45
CA PRO A 222 11.03 15.07 10.79
C PRO A 222 11.17 14.04 11.87
N GLN A 223 11.48 14.49 13.08
CA GLN A 223 11.38 13.62 14.24
C GLN A 223 10.03 12.90 14.31
N GLY A 224 8.99 13.64 13.94
CA GLY A 224 7.62 13.17 14.07
C GLY A 224 7.34 12.06 13.03
N VAL A 225 8.29 11.77 12.15
CA VAL A 225 8.07 10.71 11.12
C VAL A 225 7.79 9.32 11.74
N THR A 226 8.28 9.13 12.97
CA THR A 226 8.04 7.92 13.70
C THR A 226 6.59 7.76 14.19
N SER A 227 5.74 8.74 13.90
CA SER A 227 4.30 8.65 14.10
CA SER A 227 4.29 8.64 14.07
C SER A 227 3.52 8.84 12.79
N TYR A 228 4.20 8.95 11.65
CA TYR A 228 3.47 9.23 10.44
C TYR A 228 2.94 7.96 9.78
N ALA A 229 1.68 8.00 9.39
CA ALA A 229 1.12 7.02 8.42
C ALA A 229 1.02 7.70 7.04
N GLU A 230 0.22 7.14 6.12
CA GLU A 230 0.16 7.63 4.74
C GLU A 230 -0.20 9.13 4.72
N GLU A 231 -1.25 9.49 5.45
CA GLU A 231 -1.81 10.86 5.33
C GLU A 231 -0.96 11.90 6.04
N GLU A 232 -0.27 11.54 7.11
CA GLU A 232 0.70 12.47 7.74
C GLU A 232 1.84 12.82 6.83
N ALA A 233 2.42 11.83 6.20
CA ALA A 233 3.48 12.05 5.20
C ALA A 233 2.92 12.91 4.07
N ARG A 234 1.77 12.53 3.54
CA ARG A 234 1.19 13.24 2.42
C ARG A 234 0.94 14.72 2.71
N ASN A 235 0.49 15.03 3.92
CA ASN A 235 0.10 16.38 4.18
CA ASN A 235 0.15 16.39 4.32
C ASN A 235 1.36 17.30 4.24
N VAL A 236 2.49 16.83 4.79
CA VAL A 236 3.72 17.61 4.80
C VAL A 236 4.19 17.86 3.37
N TRP A 237 4.15 16.78 2.58
CA TRP A 237 4.51 16.80 1.18
C TRP A 237 3.57 17.74 0.38
N GLN A 238 2.28 17.65 0.62
CA GLN A 238 1.35 18.31 -0.25
C GLN A 238 1.21 19.80 0.03
N GLN A 239 1.63 20.20 1.21
CA GLN A 239 1.74 21.60 1.56
C GLN A 239 3.03 22.20 1.02
N GLY A 240 3.88 21.41 0.36
CA GLY A 240 5.09 21.89 -0.21
C GLY A 240 6.32 21.82 0.63
N ASN A 241 6.27 21.05 1.71
CA ASN A 241 7.31 21.05 2.71
C ASN A 241 8.19 19.80 2.74
N SER A 242 8.22 19.03 1.65
CA SER A 242 9.20 17.93 1.57
C SER A 242 9.75 17.77 0.14
N LEU A 243 11.04 17.66 0.01
CA LEU A 243 11.64 17.41 -1.34
C LEU A 243 11.15 16.06 -1.90
N PHE A 244 11.16 15.05 -1.02
CA PHE A 244 10.81 13.68 -1.37
C PHE A 244 9.75 13.10 -0.46
N MET A 245 9.00 12.13 -0.99
CA MET A 245 8.11 11.31 -0.17
C MET A 245 8.05 9.91 -0.70
N ARG A 246 8.12 8.93 0.18
CA ARG A 246 7.68 7.58 -0.20
C ARG A 246 6.18 7.44 0.13
N ASN A 247 5.38 7.07 -0.87
CA ASN A 247 3.96 6.85 -0.66
C ASN A 247 3.42 5.99 -1.83
N TRP A 248 2.11 5.77 -1.82
CA TRP A 248 1.42 5.00 -2.82
C TRP A 248 0.88 5.95 -3.91
N PRO A 249 0.54 5.44 -5.10
CA PRO A 249 -0.10 6.12 -6.22
C PRO A 249 -1.21 7.10 -5.92
N TYR A 250 -2.05 6.82 -4.92
CA TYR A 250 -3.21 7.67 -4.66
C TYR A 250 -2.82 9.13 -4.37
N ALA A 251 -1.62 9.37 -3.87
CA ALA A 251 -1.24 10.73 -3.55
C ALA A 251 -1.05 11.63 -4.75
N TYR A 252 -0.84 11.01 -5.92
CA TYR A 252 -0.63 11.74 -7.15
C TYR A 252 -1.84 12.58 -7.53
N ALA A 253 -2.99 11.98 -7.70
CA ALA A 253 -4.19 12.74 -8.09
C ALA A 253 -4.51 13.82 -7.02
N LEU A 254 -4.27 13.49 -5.77
CA LEU A 254 -4.53 14.47 -4.73
C LEU A 254 -3.56 15.66 -4.80
N GLY A 255 -2.29 15.42 -5.12
CA GLY A 255 -1.32 16.48 -5.20
C GLY A 255 -1.51 17.35 -6.48
N GLN A 256 -2.26 16.84 -7.47
CA GLN A 256 -2.53 17.57 -8.70
C GLN A 256 -3.83 18.31 -8.64
N ALA A 257 -4.57 18.20 -7.56
CA ALA A 257 -5.91 18.77 -7.57
C ALA A 257 -5.83 20.29 -7.48
N GLU A 258 -6.85 20.93 -7.99
CA GLU A 258 -6.86 22.39 -8.00
C GLU A 258 -6.73 22.85 -6.57
N GLY A 259 -5.90 23.87 -6.37
CA GLY A 259 -5.67 24.36 -5.01
C GLY A 259 -4.67 23.55 -4.16
N SER A 260 -4.18 22.42 -4.68
CA SER A 260 -2.94 21.84 -4.16
C SER A 260 -1.76 22.80 -4.35
N PRO A 261 -1.00 23.08 -3.30
CA PRO A 261 0.14 23.91 -3.42
C PRO A 261 1.23 23.32 -4.30
N ILE A 262 1.21 22.02 -4.55
CA ILE A 262 2.28 21.45 -5.33
C ILE A 262 1.84 20.99 -6.69
N ARG A 263 0.66 21.39 -7.11
CA ARG A 263 0.13 20.99 -8.41
C ARG A 263 1.14 21.35 -9.53
N GLY A 264 1.41 20.42 -10.44
CA GLY A 264 2.43 20.65 -11.49
C GLY A 264 3.90 20.71 -11.09
N LYS A 265 4.24 20.48 -9.81
CA LYS A 265 5.63 20.61 -9.41
C LYS A 265 6.34 19.28 -9.10
N PHE A 266 5.72 18.14 -9.40
CA PHE A 266 6.26 16.86 -8.93
C PHE A 266 6.18 15.75 -9.96
N GLY A 267 7.06 14.77 -9.81
CA GLY A 267 6.92 13.55 -10.58
C GLY A 267 7.07 12.40 -9.64
N VAL A 268 6.96 11.23 -10.19
CA VAL A 268 7.17 10.00 -9.44
C VAL A 268 8.14 9.08 -10.18
N THR A 269 8.84 8.26 -9.42
CA THR A 269 9.75 7.28 -9.98
C THR A 269 9.86 6.13 -9.02
N VAL A 270 10.60 5.13 -9.43
CA VAL A 270 10.94 4.00 -8.56
C VAL A 270 11.77 4.48 -7.34
N LEU A 271 11.54 3.88 -6.21
CA LEU A 271 12.32 4.19 -5.04
C LEU A 271 13.80 3.91 -5.32
N PRO A 272 14.64 4.67 -4.65
CA PRO A 272 16.05 4.36 -4.76
C PRO A 272 16.47 3.01 -4.20
N LYS A 273 17.70 2.63 -4.51
CA LYS A 273 18.29 1.44 -3.92
C LYS A 273 19.72 1.66 -3.47
N ALA A 274 20.30 0.67 -2.83
CA ALA A 274 21.60 0.89 -2.19
C ALA A 274 22.72 1.02 -3.22
N SER A 275 22.71 0.21 -4.26
CA SER A 275 23.70 0.27 -5.32
C SER A 275 23.08 -0.19 -6.63
N ALA A 276 23.79 -0.03 -7.74
CA ALA A 276 23.17 -0.41 -9.02
C ALA A 276 22.79 -1.88 -9.15
N ASP A 277 23.45 -2.78 -8.44
CA ASP A 277 23.07 -4.17 -8.55
C ASP A 277 22.02 -4.71 -7.52
N ALA A 278 21.60 -3.86 -6.58
CA ALA A 278 20.48 -4.23 -5.69
C ALA A 278 19.19 -4.27 -6.50
N PRO A 279 18.17 -4.99 -6.02
CA PRO A 279 16.93 -4.97 -6.73
C PRO A 279 16.14 -3.73 -6.44
N ASN A 280 15.32 -3.31 -7.38
CA ASN A 280 14.38 -2.24 -7.13
C ASN A 280 13.35 -2.76 -6.13
N ALA A 281 12.96 -1.90 -5.21
CA ALA A 281 11.93 -2.28 -4.21
C ALA A 281 10.73 -1.39 -4.32
N ALA A 282 9.57 -2.02 -4.47
CA ALA A 282 8.25 -1.39 -4.35
C ALA A 282 7.39 -2.42 -3.69
N THR A 283 6.95 -2.17 -2.46
CA THR A 283 6.09 -3.18 -1.79
C THR A 283 4.75 -3.25 -2.46
N LEU A 284 4.28 -4.46 -2.68
CA LEU A 284 3.00 -4.73 -3.28
C LEU A 284 1.92 -4.46 -2.24
N GLY A 285 0.95 -3.65 -2.62
CA GLY A 285 -0.22 -3.37 -1.78
C GLY A 285 -1.46 -3.61 -2.58
N GLY A 286 -2.55 -3.07 -2.08
CA GLY A 286 -3.82 -3.06 -2.85
C GLY A 286 -5.00 -3.67 -2.12
N ALA A 287 -6.14 -3.60 -2.80
CA ALA A 287 -7.41 -3.98 -2.27
C ALA A 287 -8.11 -4.99 -3.17
N GLN A 288 -8.82 -5.88 -2.50
CA GLN A 288 -9.63 -6.94 -3.13
C GLN A 288 -11.06 -6.77 -2.53
N LEU A 289 -12.04 -7.35 -3.23
CA LEU A 289 -13.44 -7.33 -2.81
C LEU A 289 -13.92 -8.72 -2.45
N MET A 290 -14.39 -8.85 -1.22
CA MET A 290 -14.80 -10.10 -0.64
C MET A 290 -16.26 -10.07 -0.38
N VAL A 291 -16.95 -11.17 -0.74
CA VAL A 291 -18.35 -11.31 -0.34
C VAL A 291 -18.31 -12.07 0.99
N SER A 292 -19.03 -11.59 1.99
CA SER A 292 -19.01 -12.26 3.29
C SER A 292 -19.69 -13.63 3.22
N ALA A 293 -19.09 -14.59 3.91
CA ALA A 293 -19.65 -15.91 4.02
C ALA A 293 -20.93 -15.83 4.87
N TYR A 294 -21.13 -14.70 5.56
CA TYR A 294 -22.25 -14.52 6.48
C TYR A 294 -23.31 -13.60 5.82
N SER A 295 -23.08 -13.16 4.60
CA SER A 295 -24.08 -12.35 3.88
C SER A 295 -25.32 -13.17 3.63
N ARG A 296 -26.47 -12.58 3.93
CA ARG A 296 -27.75 -13.22 3.53
C ARG A 296 -28.08 -13.04 2.07
N TYR A 297 -27.34 -12.26 1.30
CA TYR A 297 -27.64 -11.99 -0.10
C TYR A 297 -26.45 -12.20 -1.03
N PRO A 298 -25.91 -13.44 -1.09
CA PRO A 298 -24.68 -13.70 -1.83
C PRO A 298 -24.81 -13.33 -3.26
N LYS A 299 -25.95 -13.61 -3.87
CA LYS A 299 -26.06 -13.36 -5.29
C LYS A 299 -25.93 -11.82 -5.62
N GLU A 300 -26.65 -11.04 -4.87
CA GLU A 300 -26.61 -9.61 -5.06
C GLU A 300 -25.23 -9.03 -4.74
N ALA A 301 -24.64 -9.50 -3.64
CA ALA A 301 -23.30 -9.08 -3.23
C ALA A 301 -22.27 -9.35 -4.33
N VAL A 302 -22.33 -10.52 -4.94
CA VAL A 302 -21.45 -10.87 -6.00
C VAL A 302 -21.66 -9.93 -7.20
N ASP A 303 -22.89 -9.58 -7.53
CA ASP A 303 -23.11 -8.65 -8.64
CA ASP A 303 -23.14 -8.63 -8.63
C ASP A 303 -22.49 -7.29 -8.30
N LEU A 304 -22.67 -6.82 -7.08
CA LEU A 304 -22.01 -5.56 -6.68
C LEU A 304 -20.48 -5.65 -6.81
N VAL A 305 -19.88 -6.78 -6.38
CA VAL A 305 -18.42 -6.95 -6.42
C VAL A 305 -17.91 -6.98 -7.85
N LYS A 306 -18.65 -7.63 -8.73
CA LYS A 306 -18.32 -7.67 -10.15
C LYS A 306 -18.39 -6.27 -10.78
N TYR A 307 -19.39 -5.48 -10.37
CA TYR A 307 -19.50 -4.10 -10.85
C TYR A 307 -18.35 -3.21 -10.37
N LEU A 308 -18.02 -3.32 -9.09
CA LEU A 308 -16.95 -2.52 -8.51
C LEU A 308 -15.60 -2.85 -9.18
N ALA A 309 -15.40 -4.12 -9.53
CA ALA A 309 -14.21 -4.59 -10.20
C ALA A 309 -14.20 -4.45 -11.72
N SER A 310 -15.24 -3.88 -12.29
CA SER A 310 -15.40 -3.81 -13.71
C SER A 310 -14.46 -2.80 -14.30
N TYR A 311 -14.31 -2.91 -15.62
CA TYR A 311 -13.48 -2.06 -16.38
C TYR A 311 -13.74 -0.61 -16.10
N GLU A 312 -15.01 -0.20 -16.25
CA GLU A 312 -15.30 1.23 -16.16
CA GLU A 312 -15.46 1.18 -16.10
C GLU A 312 -15.20 1.77 -14.70
N VAL A 313 -15.46 0.98 -13.68
CA VAL A 313 -15.29 1.47 -12.33
C VAL A 313 -13.78 1.56 -12.03
N GLN A 314 -12.99 0.56 -12.41
CA GLN A 314 -11.54 0.65 -12.22
C GLN A 314 -10.97 1.86 -13.01
N LYS A 315 -11.53 2.13 -14.17
CA LYS A 315 -11.05 3.24 -14.98
C LYS A 315 -11.27 4.51 -14.23
N ASP A 316 -12.47 4.66 -13.70
CA ASP A 316 -12.81 5.84 -12.91
C ASP A 316 -11.84 6.05 -11.69
N ASN A 317 -11.52 4.93 -11.04
CA ASN A 317 -10.60 4.88 -9.90
C ASN A 317 -9.20 5.37 -10.37
N ALA A 318 -8.78 4.90 -11.54
CA ALA A 318 -7.53 5.34 -12.12
C ALA A 318 -7.50 6.83 -12.52
N VAL A 319 -8.51 7.26 -13.24
CA VAL A 319 -8.55 8.63 -13.73
C VAL A 319 -8.72 9.62 -12.62
N ARG A 320 -9.65 9.37 -11.71
CA ARG A 320 -9.94 10.35 -10.69
C ARG A 320 -9.08 10.25 -9.42
N LEU A 321 -8.69 9.04 -9.03
CA LEU A 321 -7.93 8.83 -7.78
C LEU A 321 -6.52 8.33 -7.96
N SER A 322 -6.06 8.23 -9.21
CA SER A 322 -4.73 7.68 -9.53
C SER A 322 -4.40 6.40 -8.83
N ARG A 323 -5.35 5.49 -8.75
CA ARG A 323 -5.12 4.18 -8.15
C ARG A 323 -5.07 3.12 -9.23
N LEU A 324 -4.26 2.13 -8.96
CA LEU A 324 -3.75 1.22 -9.98
C LEU A 324 -4.74 0.13 -10.35
N PRO A 325 -5.08 0.03 -11.62
CA PRO A 325 -5.96 -1.05 -11.99
C PRO A 325 -5.41 -2.42 -11.76
N THR A 326 -6.31 -3.38 -11.55
CA THR A 326 -5.93 -4.79 -11.54
C THR A 326 -6.18 -5.50 -12.88
N ARG A 327 -6.60 -4.71 -13.90
CA ARG A 327 -6.87 -5.20 -15.27
C ARG A 327 -5.72 -4.72 -16.21
N PRO A 328 -4.92 -5.63 -16.77
CA PRO A 328 -3.85 -5.17 -17.66
C PRO A 328 -4.33 -4.24 -18.77
N ALA A 329 -5.52 -4.48 -19.27
CA ALA A 329 -6.06 -3.66 -20.37
C ALA A 329 -6.18 -2.18 -20.05
N LEU A 330 -6.33 -1.83 -18.75
CA LEU A 330 -6.48 -0.44 -18.41
C LEU A 330 -5.22 0.34 -18.54
N TYR A 331 -4.07 -0.33 -18.52
CA TYR A 331 -2.77 0.35 -18.64
C TYR A 331 -2.46 0.70 -20.08
N THR A 332 -3.30 0.31 -21.04
CA THR A 332 -3.17 0.75 -22.43
C THR A 332 -4.35 1.66 -22.84
N ASP A 333 -5.26 1.92 -21.91
CA ASP A 333 -6.39 2.82 -22.12
C ASP A 333 -5.95 4.26 -22.27
N ARG A 334 -6.46 4.90 -23.32
CA ARG A 334 -5.93 6.19 -23.67
C ARG A 334 -6.20 7.24 -22.60
N ASP A 335 -7.37 7.20 -21.97
CA ASP A 335 -7.76 8.21 -20.97
C ASP A 335 -6.99 7.98 -19.67
N VAL A 336 -6.80 6.72 -19.31
CA VAL A 336 -6.04 6.41 -18.11
C VAL A 336 -4.63 6.95 -18.29
N LEU A 337 -4.03 6.68 -19.45
CA LEU A 337 -2.65 7.07 -19.70
C LEU A 337 -2.43 8.56 -19.84
N ALA A 338 -3.41 9.21 -20.43
CA ALA A 338 -3.30 10.65 -20.62
C ALA A 338 -3.34 11.35 -19.27
N ARG A 339 -4.22 10.93 -18.38
CA ARG A 339 -4.24 11.46 -17.01
C ARG A 339 -3.02 11.07 -16.21
N ASN A 340 -2.61 9.79 -16.27
CA ASN A 340 -1.49 9.26 -15.52
C ASN A 340 -0.38 8.64 -16.41
N PRO A 341 0.49 9.48 -16.98
CA PRO A 341 1.44 8.93 -17.96
C PRO A 341 2.44 8.08 -17.29
N TRP A 342 2.70 8.37 -16.03
CA TRP A 342 3.61 7.53 -15.20
C TRP A 342 3.14 6.09 -14.99
N PHE A 343 1.88 5.79 -15.23
CA PHE A 343 1.45 4.40 -15.22
C PHE A 343 2.27 3.55 -16.23
N ARG A 344 2.64 4.12 -17.37
CA ARG A 344 3.33 3.31 -18.33
CA ARG A 344 3.45 3.38 -18.41
C ARG A 344 4.78 3.10 -17.86
N ASP A 345 5.41 4.17 -17.42
CA ASP A 345 6.79 4.09 -17.02
C ASP A 345 6.93 3.12 -15.84
N LEU A 346 5.99 3.13 -14.90
CA LEU A 346 6.21 2.39 -13.69
C LEU A 346 5.49 1.02 -13.71
N LEU A 347 4.77 0.70 -14.78
CA LEU A 347 4.10 -0.60 -14.90
C LEU A 347 5.05 -1.76 -14.54
N PRO A 348 6.25 -1.81 -15.11
CA PRO A 348 7.14 -2.90 -14.72
C PRO A 348 7.52 -2.92 -13.22
N VAL A 349 7.65 -1.73 -12.62
CA VAL A 349 7.82 -1.64 -11.16
C VAL A 349 6.64 -2.25 -10.39
N PHE A 350 5.43 -1.97 -10.85
CA PHE A 350 4.19 -2.49 -10.27
C PHE A 350 4.13 -4.01 -10.42
N GLN A 351 4.47 -4.52 -11.59
CA GLN A 351 4.48 -5.96 -11.80
C GLN A 351 5.60 -6.67 -11.07
N ASN A 352 6.76 -6.03 -10.87
CA ASN A 352 7.80 -6.65 -10.05
C ASN A 352 7.72 -6.29 -8.57
N ALA A 353 6.59 -5.76 -8.11
CA ALA A 353 6.53 -5.25 -6.75
C ALA A 353 6.87 -6.41 -5.79
N VAL A 354 7.59 -6.17 -4.72
CA VAL A 354 7.97 -7.21 -3.81
C VAL A 354 6.88 -7.41 -2.74
N SER A 355 6.49 -8.66 -2.46
CA SER A 355 5.40 -8.94 -1.53
CA SER A 355 5.41 -8.95 -1.51
C SER A 355 5.95 -9.05 -0.11
N ARG A 356 5.15 -8.53 0.83
CA ARG A 356 5.27 -8.84 2.23
C ARG A 356 5.02 -10.35 2.37
N PRO A 357 5.47 -10.94 3.49
CA PRO A 357 5.38 -12.42 3.65
C PRO A 357 3.99 -12.94 4.13
N SER A 358 2.92 -12.44 3.54
CA SER A 358 1.58 -12.86 3.84
C SER A 358 1.30 -14.26 3.26
N ASP A 359 1.88 -14.62 2.13
CA ASP A 359 1.62 -15.98 1.59
C ASP A 359 2.23 -16.99 2.52
N VAL A 360 3.46 -16.74 2.91
CA VAL A 360 4.18 -17.76 3.72
C VAL A 360 3.73 -17.78 5.20
N ALA A 361 3.37 -16.62 5.75
CA ALA A 361 2.88 -16.60 7.12
C ALA A 361 1.41 -16.93 7.24
N GLY A 362 0.66 -16.78 6.15
CA GLY A 362 -0.77 -17.10 6.12
C GLY A 362 -1.57 -16.36 7.18
N ALA A 363 -2.31 -17.14 7.96
CA ALA A 363 -3.16 -16.58 8.98
C ALA A 363 -2.37 -16.03 10.11
N ARG A 364 -1.07 -16.28 10.19
CA ARG A 364 -0.29 -15.65 11.25
C ARG A 364 0.39 -14.34 10.77
N TYR A 365 0.02 -13.84 9.59
CA TYR A 365 0.72 -12.72 9.00
C TYR A 365 0.70 -11.50 9.90
N ASN A 366 -0.43 -11.23 10.54
CA ASN A 366 -0.60 -9.98 11.32
C ASN A 366 0.34 -10.00 12.52
N GLN A 367 0.52 -11.15 13.13
CA GLN A 367 1.50 -11.28 14.20
C GLN A 367 2.93 -11.08 13.70
N VAL A 368 3.25 -11.67 12.55
CA VAL A 368 4.58 -11.47 11.95
C VAL A 368 4.83 -9.98 11.70
N SER A 369 3.87 -9.33 11.09
CA SER A 369 4.02 -7.94 10.73
C SER A 369 4.18 -7.05 11.96
N GLU A 370 3.45 -7.34 13.02
CA GLU A 370 3.65 -6.55 14.23
C GLU A 370 5.04 -6.66 14.79
N ALA A 371 5.62 -7.86 14.74
CA ALA A 371 7.03 -8.02 15.14
C ALA A 371 7.95 -7.21 14.29
N ILE A 372 7.68 -7.22 12.99
CA ILE A 372 8.48 -6.41 12.08
C ILE A 372 8.37 -4.94 12.36
N TRP A 373 7.13 -4.40 12.47
CA TRP A 373 7.08 -2.95 12.60
C TRP A 373 7.62 -2.55 13.99
N THR A 374 7.41 -3.37 15.01
CA THR A 374 7.96 -3.00 16.36
C THR A 374 9.47 -3.02 16.44
N GLU A 375 10.10 -4.00 15.82
CA GLU A 375 11.56 -4.01 15.81
C GLU A 375 12.13 -2.96 14.93
N VAL A 376 11.53 -2.76 13.76
CA VAL A 376 11.96 -1.61 12.91
C VAL A 376 11.84 -0.23 13.60
N HIS A 377 10.70 -0.01 14.25
CA HIS A 377 10.43 1.24 14.94
C HIS A 377 11.51 1.51 16.01
N SER A 378 11.96 0.45 16.71
CA SER A 378 13.03 0.54 17.70
C SER A 378 14.35 1.03 17.13
N VAL A 379 14.58 0.79 15.85
CA VAL A 379 15.73 1.31 15.19
C VAL A 379 15.48 2.76 14.80
N LEU A 380 14.32 3.04 14.23
CA LEU A 380 14.02 4.42 13.86
C LEU A 380 14.13 5.44 15.03
N THR A 381 13.73 5.03 16.21
CA THR A 381 13.79 5.87 17.40
C THR A 381 15.18 5.90 18.10
N GLY A 382 16.11 5.08 17.66
CA GLY A 382 17.46 5.06 18.26
C GLY A 382 17.57 4.23 19.53
N ARG A 383 16.59 3.38 19.74
CA ARG A 383 16.57 2.50 20.89
C ARG A 383 17.38 1.20 20.66
N LYS A 384 17.38 0.71 19.42
CA LYS A 384 18.27 -0.37 19.00
C LYS A 384 18.98 -0.09 17.73
N LYS A 385 20.17 -0.65 17.59
CA LYS A 385 20.84 -0.67 16.32
C LYS A 385 20.26 -1.70 15.37
N GLY A 386 20.45 -1.53 14.05
CA GLY A 386 19.87 -2.47 13.14
C GLY A 386 20.34 -3.91 13.41
N GLU A 387 21.58 -4.08 13.83
CA GLU A 387 22.17 -5.39 14.07
C GLU A 387 21.40 -6.09 15.13
N GLN A 388 21.18 -5.40 16.25
CA GLN A 388 20.39 -6.02 17.33
C GLN A 388 18.94 -6.28 16.92
N ALA A 389 18.35 -5.33 16.23
CA ALA A 389 16.96 -5.43 15.88
C ALA A 389 16.67 -6.61 14.96
N VAL A 390 17.53 -6.80 13.95
CA VAL A 390 17.25 -7.92 13.02
C VAL A 390 17.48 -9.27 13.72
N ARG A 391 18.38 -9.33 14.68
CA ARG A 391 18.58 -10.54 15.45
C ARG A 391 17.37 -10.80 16.34
N ASP A 392 16.87 -9.76 17.01
CA ASP A 392 15.68 -9.92 17.85
C ASP A 392 14.48 -10.26 16.99
N LEU A 393 14.38 -9.62 15.82
CA LEU A 393 13.29 -9.92 14.88
C LEU A 393 13.27 -11.36 14.38
N GLU A 394 14.42 -11.85 13.98
CA GLU A 394 14.55 -13.29 13.67
C GLU A 394 14.02 -14.14 14.77
N ALA A 395 14.48 -13.90 16.01
CA ALA A 395 14.01 -14.71 17.15
C ALA A 395 12.51 -14.61 17.33
N ARG A 396 11.94 -13.41 17.18
CA ARG A 396 10.50 -13.31 17.35
C ARG A 396 9.73 -14.03 16.23
N ILE A 397 10.17 -13.85 15.00
CA ILE A 397 9.45 -14.47 13.91
C ILE A 397 9.57 -16.02 13.99
N ARG A 398 10.72 -16.52 14.44
CA ARG A 398 10.88 -17.95 14.63
C ARG A 398 9.84 -18.47 15.58
N ARG A 399 9.63 -17.73 16.66
CA ARG A 399 8.62 -18.16 17.65
C ARG A 399 7.26 -18.10 17.04
N ILE A 400 6.97 -16.98 16.36
CA ILE A 400 5.62 -16.87 15.78
C ILE A 400 5.31 -17.95 14.78
N LEU A 401 6.28 -18.30 13.95
CA LEU A 401 6.04 -19.23 12.86
C LEU A 401 6.43 -20.67 13.18
N ARG A 402 6.95 -20.93 14.37
CA ARG A 402 7.21 -22.32 14.77
C ARG A 402 5.90 -23.12 14.69
N HIS A 403 5.98 -24.25 14.01
CA HIS A 403 4.83 -25.14 13.78
C HIS A 403 3.86 -24.68 12.64
N HIS A 404 4.07 -23.50 12.07
CA HIS A 404 3.26 -23.13 10.90
C HIS A 404 3.89 -23.71 9.60
N HIS A 405 3.16 -24.46 8.76
CA HIS A 405 3.71 -24.83 7.39
C HIS A 405 2.84 -24.29 6.23
N HIS A 406 3.43 -23.80 5.13
CA HIS A 406 2.63 -23.12 4.02
C HIS A 406 1.94 -24.11 3.07
#